data_3D0N
#
_entry.id   3D0N
#
_cell.length_a   57.78
_cell.length_b   58.21
_cell.length_c   72.12
_cell.angle_alpha   90.00
_cell.angle_beta   92.36
_cell.angle_gamma   90.00
#
_symmetry.space_group_name_H-M   'P 1 21 1'
#
loop_
_entity.id
_entity.type
_entity.pdbx_description
1 polymer 'Carbonic anhydrase 13'
2 non-polymer 'ZINC ION'
3 non-polymer 'ACETATE ION'
4 non-polymer GLYCEROL
5 water water
#
_entity_poly.entity_id   1
_entity_poly.type   'polypeptide(L)'
_entity_poly.pdbx_seq_one_letter_code
;GSMSRLSWGYREHNGPIHWKEFFPIADGDQQSPIEIKTKEVKYDSSLRPLSIKYDPSSAKIISNSGHSFNVDFDDTENKS
VLRGGPLTGSYRLRQVHLHWGSADDHGSEHIVDGVSYAAELHVVHWNSDKYPSFVEAAHEPDGLAVLGVFLQIGEPNSQL
QKITDTLDSIKEKGKQTRFTNFDLLSLLPPSWDYWTYPGSLTVPPLLESVTWIVLKQPINISSQQLAKFRSLLCTAEGEA
AAFLVSNHRPPQPLKGRKVRASFH
;
_entity_poly.pdbx_strand_id   A,B
#
# COMPACT_ATOMS: atom_id res chain seq x y z
N SER A 2 23.99 2.62 37.50
CA SER A 2 25.05 2.76 36.47
C SER A 2 24.53 3.46 35.22
N MET A 3 23.55 4.34 35.42
CA MET A 3 22.97 5.11 34.32
C MET A 3 24.08 5.86 33.60
N SER A 4 23.97 5.96 32.28
CA SER A 4 24.98 6.66 31.49
C SER A 4 24.55 6.85 30.03
N ARG A 5 25.43 7.43 29.23
CA ARG A 5 25.15 7.68 27.81
C ARG A 5 25.16 6.37 27.01
N LEU A 6 25.62 5.30 27.65
CA LEU A 6 25.69 4.01 26.97
C LEU A 6 24.85 2.97 27.71
N SER A 7 24.60 3.22 28.99
CA SER A 7 23.83 2.29 29.80
C SER A 7 22.56 2.89 30.37
N TRP A 8 21.42 2.51 29.77
CA TRP A 8 20.12 2.97 30.23
C TRP A 8 19.20 1.75 30.20
N GLY A 9 18.07 1.84 30.89
CA GLY A 9 17.14 0.72 30.91
C GLY A 9 15.79 1.11 31.44
N TYR A 10 15.13 0.19 32.13
CA TYR A 10 13.81 0.44 32.68
C TYR A 10 13.74 0.12 34.17
N ARG A 11 14.90 -0.07 34.76
CA ARG A 11 14.97 -0.40 36.18
C ARG A 11 15.05 0.87 37.03
N GLU A 12 15.06 0.70 38.34
CA GLU A 12 15.09 1.83 39.26
C GLU A 12 16.21 2.84 39.03
N HIS A 13 17.42 2.35 38.82
CA HIS A 13 18.59 3.21 38.62
C HIS A 13 18.80 3.77 37.23
N ASN A 14 18.20 3.17 36.22
CA ASN A 14 18.41 3.63 34.85
C ASN A 14 17.13 3.80 34.04
N GLY A 15 15.99 3.85 34.74
CA GLY A 15 14.71 3.99 34.08
C GLY A 15 14.42 5.32 33.43
N PRO A 16 13.27 5.43 32.75
CA PRO A 16 12.81 6.64 32.06
C PRO A 16 13.02 7.96 32.80
N ILE A 17 12.76 7.98 34.10
CA ILE A 17 12.92 9.20 34.90
C ILE A 17 14.37 9.68 34.92
N HIS A 18 15.31 8.76 34.70
CA HIS A 18 16.73 9.09 34.70
C HIS A 18 17.31 9.39 33.31
N TRP A 19 16.55 9.08 32.26
CA TRP A 19 17.06 9.29 30.91
C TRP A 19 17.50 10.72 30.60
N LYS A 20 16.81 11.70 31.17
CA LYS A 20 17.17 13.10 30.92
C LYS A 20 18.58 13.44 31.41
N GLU A 21 19.11 12.62 32.31
CA GLU A 21 20.45 12.84 32.86
C GLU A 21 21.55 12.79 31.81
N PHE A 22 21.33 12.03 30.73
CA PHE A 22 22.32 11.92 29.68
C PHE A 22 21.72 12.20 28.30
N PHE A 23 20.41 12.37 28.26
CA PHE A 23 19.69 12.65 27.01
C PHE A 23 18.72 13.80 27.30
N PRO A 24 19.23 15.04 27.29
CA PRO A 24 18.46 16.25 27.54
C PRO A 24 17.17 16.37 26.74
N ILE A 25 17.19 15.89 25.50
CA ILE A 25 16.00 15.97 24.65
C ILE A 25 14.81 15.23 25.25
N ALA A 26 15.07 14.46 26.31
CA ALA A 26 14.01 13.71 26.99
C ALA A 26 12.90 14.66 27.45
N ASP A 27 13.25 15.92 27.67
CA ASP A 27 12.28 16.92 28.10
C ASP A 27 11.92 17.86 26.94
N GLY A 28 12.10 17.36 25.72
CA GLY A 28 11.82 18.15 24.53
C GLY A 28 10.35 18.46 24.30
N ASP A 29 10.06 19.16 23.21
CA ASP A 29 8.69 19.55 22.89
C ASP A 29 7.91 18.58 22.02
N GLN A 30 8.56 17.54 21.51
CA GLN A 30 7.88 16.57 20.68
C GLN A 30 8.26 15.15 21.10
N GLN A 31 8.09 14.86 22.38
CA GLN A 31 8.43 13.55 22.91
C GLN A 31 7.27 12.56 22.86
N SER A 32 7.63 11.29 22.74
CA SER A 32 6.66 10.20 22.67
C SER A 32 6.99 9.19 23.77
N PRO A 33 6.01 8.37 24.17
CA PRO A 33 4.63 8.33 23.67
C PRO A 33 3.77 9.40 24.31
N ILE A 34 2.49 9.42 23.95
CA ILE A 34 1.54 10.38 24.49
C ILE A 34 0.22 9.69 24.75
N GLU A 35 -0.69 10.39 25.44
CA GLU A 35 -2.01 9.84 25.67
C GLU A 35 -2.86 10.37 24.53
N ILE A 36 -3.59 9.47 23.87
CA ILE A 36 -4.47 9.85 22.79
C ILE A 36 -5.88 9.99 23.35
N LYS A 37 -6.35 11.23 23.46
CA LYS A 37 -7.70 11.48 23.97
C LYS A 37 -8.59 11.72 22.77
N THR A 38 -9.45 10.74 22.49
CA THR A 38 -10.34 10.82 21.33
C THR A 38 -11.23 12.06 21.31
N LYS A 39 -11.46 12.65 22.49
CA LYS A 39 -12.29 13.86 22.55
C LYS A 39 -11.50 15.03 21.97
N GLU A 40 -10.17 14.92 22.02
CA GLU A 40 -9.29 15.97 21.51
C GLU A 40 -8.73 15.66 20.12
N VAL A 41 -9.07 14.49 19.59
CA VAL A 41 -8.61 14.09 18.27
C VAL A 41 -9.46 14.75 17.20
N LYS A 42 -8.82 15.13 16.10
CA LYS A 42 -9.53 15.78 15.01
C LYS A 42 -9.40 15.01 13.70
N TYR A 43 -10.54 14.71 13.08
CA TYR A 43 -10.54 14.01 11.81
C TYR A 43 -10.00 14.96 10.75
N ASP A 44 -9.10 14.46 9.91
CA ASP A 44 -8.51 15.26 8.85
C ASP A 44 -8.69 14.50 7.53
N SER A 45 -9.62 14.98 6.71
CA SER A 45 -9.91 14.33 5.42
C SER A 45 -8.73 14.34 4.45
N SER A 46 -7.72 15.15 4.71
CA SER A 46 -6.57 15.21 3.82
C SER A 46 -5.62 14.04 4.03
N LEU A 47 -5.76 13.36 5.18
CA LEU A 47 -4.92 12.20 5.47
C LEU A 47 -5.29 11.10 4.49
N ARG A 48 -4.29 10.39 3.99
CA ARG A 48 -4.50 9.34 3.01
C ARG A 48 -4.42 7.93 3.59
N PRO A 49 -4.93 6.94 2.86
CA PRO A 49 -4.88 5.57 3.37
C PRO A 49 -3.43 5.11 3.36
N LEU A 50 -3.10 4.13 4.19
CA LEU A 50 -1.75 3.61 4.20
C LEU A 50 -1.59 2.69 3.00
N SER A 51 -0.40 2.71 2.39
CA SER A 51 -0.10 1.86 1.25
C SER A 51 1.12 1.09 1.72
N ILE A 52 0.94 -0.19 1.98
CA ILE A 52 2.00 -1.02 2.53
C ILE A 52 2.43 -2.24 1.73
N LYS A 53 3.73 -2.47 1.67
CA LYS A 53 4.25 -3.66 1.02
C LYS A 53 5.42 -4.17 1.85
N TYR A 54 5.26 -5.37 2.40
CA TYR A 54 6.28 -5.99 3.23
C TYR A 54 6.63 -7.36 2.66
N ASP A 55 7.85 -7.50 2.15
CA ASP A 55 8.32 -8.75 1.59
C ASP A 55 8.74 -9.66 2.75
N PRO A 56 8.17 -10.87 2.83
CA PRO A 56 8.51 -11.80 3.92
C PRO A 56 10.00 -12.13 4.01
N SER A 57 10.72 -11.96 2.92
CA SER A 57 12.15 -12.27 2.92
C SER A 57 12.99 -11.12 3.46
N SER A 58 12.37 -9.96 3.70
CA SER A 58 13.11 -8.82 4.22
C SER A 58 13.62 -9.02 5.65
N ALA A 59 12.86 -9.76 6.45
CA ALA A 59 13.27 -10.04 7.83
C ALA A 59 14.49 -10.95 7.79
N LYS A 60 15.48 -10.65 8.63
CA LYS A 60 16.70 -11.46 8.62
C LYS A 60 17.10 -12.05 9.96
N ILE A 61 17.00 -11.24 11.01
CA ILE A 61 17.45 -11.67 12.33
C ILE A 61 16.58 -11.18 13.47
N ILE A 62 16.45 -11.98 14.52
CA ILE A 62 15.74 -11.54 15.71
C ILE A 62 16.76 -11.67 16.82
N SER A 63 16.86 -10.63 17.65
CA SER A 63 17.83 -10.63 18.73
C SER A 63 17.29 -9.95 19.98
N ASN A 64 17.99 -10.19 21.08
CA ASN A 64 17.62 -9.58 22.36
C ASN A 64 18.58 -8.40 22.54
N SER A 65 18.06 -7.19 22.47
CA SER A 65 18.88 -5.98 22.61
C SER A 65 19.09 -5.63 24.07
N GLY A 66 18.32 -6.29 24.93
CA GLY A 66 18.41 -6.01 26.35
C GLY A 66 17.27 -5.09 26.71
N HIS A 67 16.69 -4.45 25.69
CA HIS A 67 15.57 -3.51 25.88
C HIS A 67 14.26 -4.02 25.30
N SER A 68 14.35 -5.05 24.45
CA SER A 68 13.20 -5.69 23.81
C SER A 68 13.80 -6.69 22.84
N PHE A 69 12.97 -7.29 22.01
CA PHE A 69 13.51 -8.18 20.98
C PHE A 69 13.48 -7.26 19.76
N ASN A 70 14.44 -7.45 18.86
CA ASN A 70 14.50 -6.66 17.63
C ASN A 70 14.47 -7.60 16.44
N VAL A 71 13.53 -7.41 15.53
CA VAL A 71 13.55 -8.19 14.31
C VAL A 71 14.15 -7.17 13.36
N ASP A 72 15.35 -7.45 12.85
CA ASP A 72 15.99 -6.52 11.94
C ASP A 72 15.81 -6.96 10.50
N PHE A 73 15.51 -5.99 9.64
CA PHE A 73 15.27 -6.24 8.24
C PHE A 73 16.40 -5.70 7.37
N ASP A 74 16.55 -6.26 6.18
CA ASP A 74 17.57 -5.77 5.27
C ASP A 74 17.02 -4.51 4.64
N ASP A 75 17.47 -3.35 5.12
CA ASP A 75 17.01 -2.08 4.57
C ASP A 75 17.99 -1.49 3.57
N THR A 76 18.80 -2.35 2.96
CA THR A 76 19.75 -1.90 1.95
C THR A 76 19.03 -2.04 0.60
N GLU A 77 17.91 -2.74 0.61
CA GLU A 77 17.10 -2.91 -0.59
C GLU A 77 15.74 -2.26 -0.36
N ASN A 78 15.00 -2.01 -1.44
CA ASN A 78 13.69 -1.35 -1.34
C ASN A 78 12.49 -2.27 -1.55
N LYS A 79 12.53 -3.46 -0.96
CA LYS A 79 11.44 -4.42 -1.11
C LYS A 79 10.29 -4.21 -0.13
N SER A 80 10.58 -3.63 1.02
CA SER A 80 9.54 -3.41 2.02
C SER A 80 9.47 -1.93 2.35
N VAL A 81 8.35 -1.31 2.00
CA VAL A 81 8.20 0.13 2.22
C VAL A 81 6.80 0.54 2.63
N LEU A 82 6.73 1.67 3.31
CA LEU A 82 5.45 2.23 3.76
C LEU A 82 5.26 3.56 3.03
N ARG A 83 4.09 3.76 2.45
CA ARG A 83 3.76 4.99 1.74
C ARG A 83 2.35 5.40 2.13
N GLY A 84 1.94 6.61 1.73
CA GLY A 84 0.61 7.08 2.05
C GLY A 84 0.50 7.61 3.47
N GLY A 85 -0.71 7.51 4.04
CA GLY A 85 -0.90 8.01 5.39
C GLY A 85 -0.56 9.48 5.41
N PRO A 86 0.15 9.96 6.44
CA PRO A 86 0.53 11.37 6.53
C PRO A 86 1.89 11.63 5.88
N LEU A 87 2.46 10.59 5.29
CA LEU A 87 3.80 10.67 4.71
C LEU A 87 3.97 11.18 3.29
N THR A 88 5.09 11.86 3.07
CA THR A 88 5.46 12.36 1.77
C THR A 88 6.64 11.50 1.37
N GLY A 89 6.51 10.71 0.31
CA GLY A 89 7.61 9.86 -0.10
C GLY A 89 7.59 8.44 0.42
N SER A 90 8.65 7.70 0.15
N SER A 90 8.65 7.70 0.15
CA SER A 90 8.74 6.31 0.57
CA SER A 90 8.75 6.31 0.58
C SER A 90 9.61 6.08 1.81
C SER A 90 9.62 6.09 1.82
N TYR A 91 9.07 5.33 2.77
CA TYR A 91 9.76 5.03 4.02
C TYR A 91 10.07 3.54 4.07
N ARG A 92 11.35 3.21 4.14
CA ARG A 92 11.82 1.83 4.12
C ARG A 92 11.80 1.13 5.47
N LEU A 93 11.29 -0.10 5.46
CA LEU A 93 11.20 -0.91 6.68
C LEU A 93 12.58 -1.29 7.21
N ARG A 94 12.79 -1.10 8.52
CA ARG A 94 14.07 -1.41 9.13
C ARG A 94 14.03 -2.33 10.35
N GLN A 95 13.05 -2.13 11.23
CA GLN A 95 12.99 -2.91 12.44
C GLN A 95 11.61 -3.02 13.08
N VAL A 96 11.42 -4.10 13.82
CA VAL A 96 10.18 -4.32 14.56
C VAL A 96 10.58 -4.74 15.97
N HIS A 97 9.95 -4.13 16.97
CA HIS A 97 10.20 -4.49 18.36
C HIS A 97 8.90 -4.30 19.14
N LEU A 98 8.90 -4.68 20.41
CA LEU A 98 7.70 -4.63 21.22
C LEU A 98 7.90 -4.03 22.60
N HIS A 99 6.87 -3.38 23.12
CA HIS A 99 6.91 -2.79 24.45
C HIS A 99 5.77 -3.41 25.26
N TRP A 100 6.04 -3.69 26.54
CA TRP A 100 5.05 -4.29 27.43
C TRP A 100 5.27 -3.81 28.86
N GLY A 101 4.43 -4.28 29.78
CA GLY A 101 4.55 -3.89 31.18
C GLY A 101 4.69 -5.11 32.07
N SER A 102 4.88 -4.92 33.36
CA SER A 102 5.06 -6.03 34.29
C SER A 102 3.77 -6.84 34.50
N ALA A 103 2.65 -6.23 34.17
CA ALA A 103 1.34 -6.88 34.30
C ALA A 103 0.54 -6.59 33.03
N ASP A 104 -0.40 -7.46 32.72
CA ASP A 104 -1.22 -7.29 31.52
C ASP A 104 -2.05 -6.00 31.46
N ASP A 105 -2.39 -5.44 32.62
CA ASP A 105 -3.22 -4.23 32.66
C ASP A 105 -2.54 -2.91 32.27
N HIS A 106 -1.21 -2.91 32.15
CA HIS A 106 -0.48 -1.71 31.77
C HIS A 106 0.81 -2.04 31.03
N GLY A 107 0.78 -1.96 29.71
CA GLY A 107 1.98 -2.29 28.95
C GLY A 107 2.24 -1.46 27.72
N SER A 108 1.20 -0.91 27.11
CA SER A 108 1.41 -0.10 25.91
C SER A 108 2.10 1.23 26.23
N GLU A 109 2.69 1.85 25.22
CA GLU A 109 3.35 3.14 25.43
C GLU A 109 2.31 4.22 25.22
N HIS A 110 1.64 4.20 24.07
CA HIS A 110 0.59 5.17 23.85
C HIS A 110 -0.61 4.70 24.67
N ILE A 111 -1.36 5.67 25.18
CA ILE A 111 -2.54 5.43 26.00
C ILE A 111 -3.74 5.98 25.25
N VAL A 112 -4.88 5.29 25.34
CA VAL A 112 -6.09 5.76 24.66
C VAL A 112 -7.21 5.98 25.66
N ASP A 113 -7.62 7.23 25.79
CA ASP A 113 -8.70 7.59 26.70
C ASP A 113 -8.44 7.00 28.09
N GLY A 114 -7.23 7.23 28.59
CA GLY A 114 -6.83 6.76 29.91
C GLY A 114 -6.61 5.26 30.05
N VAL A 115 -6.68 4.53 28.94
CA VAL A 115 -6.50 3.09 28.98
C VAL A 115 -5.21 2.59 28.35
N SER A 116 -4.56 1.66 29.02
N SER A 116 -4.56 1.66 29.02
CA SER A 116 -3.33 1.05 28.54
CA SER A 116 -3.31 1.07 28.52
C SER A 116 -3.63 -0.34 27.99
C SER A 116 -3.60 -0.33 28.01
N TYR A 117 -3.09 -0.65 26.82
CA TYR A 117 -3.29 -1.97 26.26
C TYR A 117 -2.20 -2.84 26.89
N ALA A 118 -2.16 -4.13 26.57
CA ALA A 118 -1.18 -5.04 27.17
C ALA A 118 0.24 -4.85 26.65
N ALA A 119 0.36 -4.48 25.38
CA ALA A 119 1.67 -4.26 24.78
C ALA A 119 1.50 -3.42 23.53
N GLU A 120 2.61 -3.04 22.92
CA GLU A 120 2.57 -2.21 21.73
C GLU A 120 3.73 -2.53 20.82
N LEU A 121 3.41 -2.84 19.57
CA LEU A 121 4.41 -3.18 18.55
C LEU A 121 4.81 -1.92 17.80
N HIS A 122 6.11 -1.77 17.53
CA HIS A 122 6.60 -0.62 16.78
C HIS A 122 7.28 -1.10 15.53
N VAL A 123 6.85 -0.56 14.39
CA VAL A 123 7.43 -0.92 13.09
C VAL A 123 8.14 0.34 12.61
N VAL A 124 9.46 0.31 12.62
CA VAL A 124 10.28 1.45 12.26
C VAL A 124 10.71 1.53 10.80
N HIS A 125 10.48 2.69 10.17
CA HIS A 125 10.84 2.93 8.78
C HIS A 125 11.59 4.27 8.68
N TRP A 126 12.35 4.45 7.60
CA TRP A 126 13.07 5.70 7.39
C TRP A 126 12.93 6.19 5.95
N ASN A 127 12.97 7.51 5.79
CA ASN A 127 12.84 8.16 4.48
C ASN A 127 14.05 7.90 3.59
N SER A 128 13.91 6.95 2.67
CA SER A 128 14.99 6.61 1.78
C SER A 128 15.02 7.45 0.50
N ASP A 129 14.04 8.34 0.36
CA ASP A 129 14.00 9.21 -0.81
C ASP A 129 14.98 10.36 -0.62
N LYS A 130 15.04 10.89 0.61
CA LYS A 130 15.89 12.02 0.93
C LYS A 130 17.19 11.69 1.67
N TYR A 131 17.21 10.60 2.42
CA TYR A 131 18.39 10.25 3.20
C TYR A 131 19.09 8.98 2.76
N PRO A 132 20.42 8.93 2.91
CA PRO A 132 21.24 7.78 2.53
C PRO A 132 21.09 6.56 3.44
N SER A 133 20.68 6.78 4.68
CA SER A 133 20.52 5.66 5.61
C SER A 133 19.71 6.07 6.83
N PHE A 134 19.39 5.08 7.64
CA PHE A 134 18.60 5.30 8.85
C PHE A 134 19.25 6.31 9.79
N VAL A 135 20.56 6.21 9.97
CA VAL A 135 21.26 7.12 10.88
C VAL A 135 21.04 8.61 10.58
N GLU A 136 21.17 8.99 9.32
N GLU A 136 21.15 8.99 9.31
CA GLU A 136 20.97 10.38 8.94
CA GLU A 136 20.94 10.38 8.94
C GLU A 136 19.49 10.77 8.97
C GLU A 136 19.47 10.74 9.06
N ALA A 137 18.61 9.83 8.63
CA ALA A 137 17.18 10.08 8.67
C ALA A 137 16.68 10.27 10.09
N ALA A 138 17.31 9.58 11.03
CA ALA A 138 16.92 9.65 12.43
C ALA A 138 17.12 11.02 13.07
N HIS A 139 17.85 11.90 12.38
CA HIS A 139 18.12 13.23 12.89
C HIS A 139 17.36 14.33 12.13
N GLU A 140 16.35 13.94 11.37
CA GLU A 140 15.55 14.89 10.61
C GLU A 140 14.07 14.76 10.99
N PRO A 141 13.33 15.87 11.05
CA PRO A 141 11.91 15.85 11.41
C PRO A 141 11.07 14.92 10.55
N ASP A 142 11.41 14.82 9.27
CA ASP A 142 10.67 13.96 8.35
C ASP A 142 11.41 12.65 8.09
N GLY A 143 12.41 12.36 8.91
CA GLY A 143 13.20 11.16 8.70
C GLY A 143 12.60 9.79 8.98
N LEU A 144 11.85 9.67 10.06
CA LEU A 144 11.30 8.36 10.42
C LEU A 144 9.79 8.29 10.44
N ALA A 145 9.27 7.09 10.18
CA ALA A 145 7.84 6.83 10.21
C ALA A 145 7.71 5.55 11.01
N VAL A 146 6.93 5.61 12.09
CA VAL A 146 6.77 4.44 12.93
C VAL A 146 5.31 4.08 13.10
N LEU A 147 5.00 2.83 12.77
CA LEU A 147 3.64 2.33 12.92
C LEU A 147 3.55 1.72 14.31
N GLY A 148 2.50 2.09 15.03
CA GLY A 148 2.28 1.55 16.35
C GLY A 148 1.05 0.66 16.29
N VAL A 149 1.17 -0.56 16.83
CA VAL A 149 0.07 -1.50 16.83
C VAL A 149 -0.16 -1.99 18.26
N PHE A 150 -1.36 -1.78 18.78
CA PHE A 150 -1.69 -2.20 20.13
C PHE A 150 -1.98 -3.69 20.21
N LEU A 151 -1.56 -4.30 21.32
CA LEU A 151 -1.83 -5.71 21.57
C LEU A 151 -2.68 -5.78 22.83
N GLN A 152 -3.78 -6.52 22.74
CA GLN A 152 -4.66 -6.69 23.89
C GLN A 152 -4.75 -8.18 24.17
N ILE A 153 -4.97 -8.54 25.42
CA ILE A 153 -5.08 -9.96 25.76
C ILE A 153 -6.34 -10.53 25.12
N GLY A 154 -6.19 -11.70 24.51
CA GLY A 154 -7.31 -12.36 23.85
C GLY A 154 -6.87 -13.76 23.45
N GLU A 155 -7.48 -14.30 22.40
CA GLU A 155 -7.11 -15.63 21.95
C GLU A 155 -5.68 -15.64 21.43
N PRO A 156 -5.02 -16.81 21.49
CA PRO A 156 -3.64 -16.96 21.01
C PRO A 156 -3.51 -16.45 19.57
N ASN A 157 -2.42 -15.73 19.30
CA ASN A 157 -2.17 -15.18 17.97
C ASN A 157 -1.17 -16.05 17.21
N SER A 158 -1.63 -16.72 16.17
CA SER A 158 -0.78 -17.60 15.38
C SER A 158 0.43 -16.90 14.77
N GLN A 159 0.25 -15.62 14.43
CA GLN A 159 1.33 -14.85 13.83
C GLN A 159 2.40 -14.47 14.84
N LEU A 160 1.98 -14.07 16.03
CA LEU A 160 2.92 -13.70 17.07
C LEU A 160 3.66 -14.93 17.57
N GLN A 161 3.03 -16.10 17.44
CA GLN A 161 3.64 -17.34 17.89
C GLN A 161 5.00 -17.59 17.23
N LYS A 162 5.15 -17.16 15.97
CA LYS A 162 6.42 -17.33 15.27
C LYS A 162 7.52 -16.62 16.06
N ILE A 163 7.18 -15.49 16.66
CA ILE A 163 8.14 -14.75 17.44
C ILE A 163 8.36 -15.41 18.80
N THR A 164 7.27 -15.80 19.47
CA THR A 164 7.43 -16.43 20.78
C THR A 164 8.21 -17.73 20.72
N ASP A 165 8.10 -18.46 19.61
CA ASP A 165 8.82 -19.73 19.44
C ASP A 165 10.34 -19.56 19.47
N THR A 166 10.82 -18.34 19.25
CA THR A 166 12.25 -18.09 19.22
C THR A 166 12.81 -17.49 20.50
N LEU A 167 11.94 -17.05 21.39
CA LEU A 167 12.40 -16.38 22.59
C LEU A 167 13.37 -17.12 23.49
N ASP A 168 13.19 -18.43 23.68
CA ASP A 168 14.13 -19.15 24.53
C ASP A 168 15.54 -19.15 23.95
N SER A 169 15.65 -19.06 22.62
CA SER A 169 16.96 -19.06 21.98
C SER A 169 17.66 -17.70 22.08
N ILE A 170 16.93 -16.67 22.47
CA ILE A 170 17.52 -15.35 22.64
C ILE A 170 17.18 -14.77 24.01
N LYS A 171 17.14 -15.64 25.01
CA LYS A 171 16.81 -15.22 26.37
C LYS A 171 17.73 -14.14 26.93
N GLU A 172 19.03 -14.29 26.70
CA GLU A 172 20.01 -13.34 27.20
C GLU A 172 20.32 -12.20 26.25
N LYS A 173 20.62 -11.03 26.81
CA LYS A 173 20.98 -9.86 26.02
C LYS A 173 22.17 -10.20 25.14
N GLY A 174 22.08 -9.84 23.87
CA GLY A 174 23.17 -10.12 22.96
C GLY A 174 22.95 -11.33 22.07
N LYS A 175 22.07 -12.23 22.49
CA LYS A 175 21.78 -13.43 21.72
C LYS A 175 20.96 -13.06 20.47
N GLN A 176 21.19 -13.79 19.39
CA GLN A 176 20.45 -13.56 18.16
C GLN A 176 20.25 -14.89 17.43
N THR A 177 19.21 -14.94 16.59
N THR A 177 19.19 -14.94 16.61
CA THR A 177 18.93 -16.14 15.82
CA THR A 177 18.85 -16.12 15.84
C THR A 177 18.31 -15.70 14.50
C THR A 177 18.30 -15.68 14.49
N ARG A 178 18.62 -16.41 13.43
CA ARG A 178 18.10 -16.04 12.12
C ARG A 178 16.58 -16.13 12.13
N PHE A 179 15.96 -15.13 11.52
CA PHE A 179 14.51 -15.03 11.51
C PHE A 179 14.06 -14.46 10.17
N THR A 180 13.54 -15.30 9.29
CA THR A 180 13.09 -14.81 7.99
C THR A 180 11.74 -15.41 7.62
N ASN A 181 11.27 -15.13 6.40
N ASN A 181 11.26 -15.13 6.41
CA ASN A 181 9.97 -15.62 5.96
CA ASN A 181 9.96 -15.61 5.96
C ASN A 181 8.95 -15.17 7.00
C ASN A 181 8.95 -15.17 6.99
N PHE A 182 9.02 -13.89 7.34
CA PHE A 182 8.13 -13.28 8.31
C PHE A 182 7.09 -12.41 7.61
N ASP A 183 5.85 -12.88 7.61
CA ASP A 183 4.76 -12.15 6.95
C ASP A 183 4.25 -11.07 7.91
N LEU A 184 4.99 -9.98 8.00
CA LEU A 184 4.65 -8.87 8.87
C LEU A 184 3.27 -8.27 8.58
N LEU A 185 2.93 -8.17 7.30
CA LEU A 185 1.65 -7.60 6.90
C LEU A 185 0.47 -8.35 7.52
N SER A 186 0.59 -9.67 7.60
CA SER A 186 -0.48 -10.49 8.16
C SER A 186 -0.60 -10.34 9.68
N LEU A 187 0.39 -9.67 10.27
CA LEU A 187 0.37 -9.45 11.71
C LEU A 187 -0.46 -8.21 12.04
N LEU A 188 -0.53 -7.29 11.09
CA LEU A 188 -1.31 -6.06 11.27
C LEU A 188 -2.81 -6.34 11.29
N PRO A 189 -3.59 -5.51 11.99
CA PRO A 189 -5.03 -5.71 12.05
C PRO A 189 -5.65 -5.48 10.67
N PRO A 190 -6.89 -5.94 10.45
CA PRO A 190 -7.52 -5.76 9.14
C PRO A 190 -7.77 -4.30 8.78
N SER A 191 -8.12 -3.49 9.76
CA SER A 191 -8.36 -2.07 9.51
C SER A 191 -7.07 -1.27 9.64
N TRP A 192 -6.80 -0.40 8.68
CA TRP A 192 -5.60 0.41 8.72
C TRP A 192 -5.89 1.85 9.10
N ASP A 193 -7.02 2.07 9.78
CA ASP A 193 -7.39 3.41 10.24
C ASP A 193 -6.36 3.81 11.29
N TYR A 194 -5.98 5.08 11.32
CA TYR A 194 -4.95 5.49 12.25
C TYR A 194 -5.02 6.91 12.79
N TRP A 195 -4.25 7.14 13.85
CA TRP A 195 -4.10 8.43 14.47
C TRP A 195 -2.68 8.79 14.11
N THR A 196 -2.36 10.08 14.00
CA THR A 196 -1.00 10.48 13.67
C THR A 196 -0.64 11.80 14.34
N TYR A 197 0.63 11.93 14.70
CA TYR A 197 1.14 13.15 15.33
C TYR A 197 2.66 13.10 15.26
N PRO A 198 3.31 14.27 15.35
CA PRO A 198 4.78 14.35 15.30
C PRO A 198 5.38 14.02 16.65
N GLY A 199 6.32 13.08 16.68
CA GLY A 199 6.93 12.68 17.92
C GLY A 199 8.39 12.27 17.88
N SER A 200 8.76 11.36 18.76
CA SER A 200 10.14 10.92 18.87
C SER A 200 10.28 9.42 19.09
N LEU A 201 11.54 8.99 19.17
CA LEU A 201 11.85 7.61 19.46
C LEU A 201 11.45 7.55 20.93
N THR A 202 10.97 6.41 21.41
CA THR A 202 10.56 6.32 22.81
C THR A 202 11.65 5.72 23.68
N VAL A 203 12.84 5.60 23.11
CA VAL A 203 14.01 5.09 23.80
C VAL A 203 15.17 6.01 23.44
N PRO A 204 16.19 6.10 24.30
CA PRO A 204 17.32 6.96 23.97
C PRO A 204 17.83 6.49 22.61
N PRO A 205 18.34 7.40 21.76
CA PRO A 205 18.52 8.84 21.92
C PRO A 205 17.29 9.76 21.95
N LEU A 206 16.08 9.20 21.89
CA LEU A 206 14.85 9.98 21.97
C LEU A 206 14.73 11.11 20.93
N LEU A 207 15.31 10.88 19.75
CA LEU A 207 15.30 11.87 18.68
C LEU A 207 13.90 12.20 18.19
N GLU A 208 13.64 13.50 18.00
CA GLU A 208 12.34 13.98 17.53
C GLU A 208 12.32 14.02 16.01
N SER A 209 12.24 12.82 15.43
CA SER A 209 12.26 12.64 14.00
C SER A 209 11.17 11.67 13.54
N VAL A 210 10.23 11.37 14.42
CA VAL A 210 9.20 10.40 14.09
C VAL A 210 7.80 10.89 13.77
N THR A 211 7.27 10.42 12.64
CA THR A 211 5.90 10.74 12.28
C THR A 211 5.23 9.46 12.78
N TRP A 212 4.46 9.58 13.86
CA TRP A 212 3.79 8.44 14.43
C TRP A 212 2.48 8.11 13.74
N ILE A 213 2.28 6.83 13.47
CA ILE A 213 1.06 6.33 12.84
C ILE A 213 0.60 5.20 13.75
N VAL A 214 -0.32 5.51 14.64
CA VAL A 214 -0.83 4.54 15.59
C VAL A 214 -2.16 3.99 15.08
N LEU A 215 -2.21 2.69 14.81
CA LEU A 215 -3.42 2.06 14.30
C LEU A 215 -4.47 1.99 15.41
N LYS A 216 -5.72 2.29 15.06
CA LYS A 216 -6.80 2.25 16.05
C LYS A 216 -7.16 0.85 16.51
N GLN A 217 -7.21 -0.09 15.58
CA GLN A 217 -7.57 -1.46 15.91
C GLN A 217 -6.44 -2.30 16.47
N PRO A 218 -6.64 -2.87 17.66
CA PRO A 218 -5.60 -3.71 18.27
C PRO A 218 -5.63 -5.13 17.73
N ILE A 219 -4.57 -5.88 18.04
CA ILE A 219 -4.50 -7.28 17.65
C ILE A 219 -4.46 -8.03 18.98
N ASN A 220 -4.83 -9.31 18.97
CA ASN A 220 -4.83 -10.08 20.20
C ASN A 220 -3.55 -10.86 20.44
N ILE A 221 -3.31 -11.18 21.71
CA ILE A 221 -2.17 -11.97 22.13
C ILE A 221 -2.66 -12.66 23.41
N SER A 222 -2.31 -13.93 23.59
CA SER A 222 -2.76 -14.61 24.79
C SER A 222 -1.89 -14.17 25.96
N SER A 223 -2.40 -14.37 27.17
N SER A 223 -2.40 -14.37 27.17
CA SER A 223 -1.65 -13.98 28.36
CA SER A 223 -1.66 -13.99 28.37
C SER A 223 -0.36 -14.79 28.43
C SER A 223 -0.36 -14.79 28.43
N GLN A 224 -0.42 -16.04 27.97
CA GLN A 224 0.76 -16.90 27.98
C GLN A 224 1.81 -16.41 26.98
N GLN A 225 1.38 -15.95 25.81
CA GLN A 225 2.31 -15.45 24.81
C GLN A 225 2.98 -14.19 25.34
N LEU A 226 2.20 -13.31 25.94
CA LEU A 226 2.78 -12.07 26.47
C LEU A 226 3.75 -12.39 27.60
N ALA A 227 3.41 -13.36 28.44
CA ALA A 227 4.28 -13.72 29.55
C ALA A 227 5.65 -14.19 29.06
N LYS A 228 5.69 -14.76 27.86
CA LYS A 228 6.94 -15.25 27.30
C LYS A 228 7.92 -14.10 27.09
N PHE A 229 7.42 -12.91 26.75
CA PHE A 229 8.31 -11.78 26.56
C PHE A 229 8.95 -11.35 27.86
N ARG A 230 8.21 -11.50 28.96
CA ARG A 230 8.72 -11.12 30.28
C ARG A 230 9.76 -12.13 30.78
N SER A 231 9.90 -13.24 30.05
CA SER A 231 10.88 -14.26 30.43
C SER A 231 12.25 -13.93 29.83
N LEU A 232 12.29 -12.88 29.01
CA LEU A 232 13.55 -12.44 28.41
C LEU A 232 14.33 -11.70 29.48
N LEU A 233 15.65 -11.69 29.37
CA LEU A 233 16.48 -10.98 30.33
C LEU A 233 16.99 -9.67 29.72
N CYS A 234 17.27 -8.68 30.55
CA CYS A 234 17.81 -7.42 30.06
C CYS A 234 19.32 -7.48 30.31
N THR A 235 19.78 -8.66 30.74
CA THR A 235 21.18 -8.90 31.05
C THR A 235 21.75 -10.01 30.16
N ALA A 236 23.07 -9.98 29.97
CA ALA A 236 23.74 -10.96 29.12
C ALA A 236 24.18 -12.23 29.85
N GLU A 237 24.60 -13.20 29.07
CA GLU A 237 25.08 -14.46 29.62
C GLU A 237 26.33 -14.11 30.43
N GLY A 238 26.43 -14.65 31.65
CA GLY A 238 27.58 -14.36 32.47
C GLY A 238 27.43 -13.20 33.43
N GLU A 239 26.35 -12.43 33.29
CA GLU A 239 26.11 -11.28 34.15
C GLU A 239 24.98 -11.62 35.10
N ALA A 240 24.87 -10.84 36.18
CA ALA A 240 23.79 -11.03 37.14
C ALA A 240 22.50 -10.89 36.35
N ALA A 241 21.55 -11.78 36.60
CA ALA A 241 20.28 -11.79 35.90
C ALA A 241 19.26 -10.77 36.38
N ALA A 242 18.49 -10.26 35.43
CA ALA A 242 17.41 -9.32 35.70
C ALA A 242 16.46 -9.51 34.52
N PHE A 243 15.20 -9.81 34.81
CA PHE A 243 14.22 -10.02 33.75
C PHE A 243 13.72 -8.70 33.17
N LEU A 244 13.42 -8.73 31.87
CA LEU A 244 12.89 -7.55 31.20
C LEU A 244 11.37 -7.60 31.43
N VAL A 245 10.97 -7.33 32.66
CA VAL A 245 9.56 -7.40 33.03
C VAL A 245 8.73 -6.25 32.48
N SER A 246 9.36 -5.11 32.25
CA SER A 246 8.63 -3.94 31.73
C SER A 246 9.59 -3.09 30.90
N ASN A 247 9.12 -2.62 29.75
CA ASN A 247 9.98 -1.81 28.89
C ASN A 247 9.20 -0.76 28.12
N HIS A 248 8.29 -0.07 28.81
CA HIS A 248 7.52 1.00 28.19
C HIS A 248 7.79 2.30 28.90
N ARG A 249 7.81 3.39 28.14
CA ARG A 249 8.05 4.72 28.67
C ARG A 249 6.71 5.38 28.99
N PRO A 250 6.64 6.17 30.08
CA PRO A 250 5.39 6.83 30.44
C PRO A 250 4.99 7.89 29.40
N PRO A 251 3.71 8.30 29.40
CA PRO A 251 3.24 9.30 28.44
C PRO A 251 3.95 10.64 28.69
N GLN A 252 4.23 11.36 27.61
CA GLN A 252 4.93 12.64 27.70
C GLN A 252 4.00 13.82 27.40
N PRO A 253 4.40 15.04 27.81
CA PRO A 253 3.57 16.23 27.57
C PRO A 253 3.25 16.46 26.09
N LEU A 254 1.98 16.72 25.79
CA LEU A 254 1.58 16.95 24.40
C LEU A 254 2.19 18.23 23.85
N LYS A 255 2.37 19.22 24.71
CA LYS A 255 2.96 20.50 24.31
C LYS A 255 2.29 21.15 23.09
N GLY A 256 0.97 21.13 23.07
CA GLY A 256 0.22 21.75 21.99
C GLY A 256 0.18 21.04 20.66
N ARG A 257 0.73 19.83 20.58
CA ARG A 257 0.70 19.07 19.33
C ARG A 257 -0.71 18.62 19.01
N LYS A 258 -0.96 18.38 17.72
CA LYS A 258 -2.26 17.95 17.26
C LYS A 258 -2.27 16.49 16.84
N VAL A 259 -3.18 15.73 17.40
CA VAL A 259 -3.33 14.32 17.06
C VAL A 259 -4.48 14.28 16.06
N ARG A 260 -4.20 13.76 14.87
CA ARG A 260 -5.20 13.69 13.81
C ARG A 260 -5.66 12.26 13.54
N ALA A 261 -6.91 12.11 13.10
CA ALA A 261 -7.46 10.80 12.79
C ALA A 261 -7.74 10.70 11.30
N SER A 262 -7.48 9.53 10.73
CA SER A 262 -7.71 9.32 9.30
C SER A 262 -9.11 8.77 9.09
N PHE A 263 -9.86 8.64 10.18
CA PHE A 263 -11.20 8.07 10.13
C PHE A 263 -12.21 8.88 10.94
N HIS A 264 -13.49 8.65 10.65
CA HIS A 264 -14.57 9.33 11.36
C HIS A 264 -15.88 8.57 11.19
N SER B 2 -10.61 -9.37 -42.52
CA SER B 2 -11.97 -8.76 -42.53
C SER B 2 -12.51 -8.58 -41.12
N MET B 3 -13.13 -7.42 -40.87
CA MET B 3 -13.71 -7.13 -39.57
C MET B 3 -14.74 -8.21 -39.23
N SER B 4 -14.62 -8.78 -38.03
CA SER B 4 -15.54 -9.81 -37.59
C SER B 4 -15.65 -9.79 -36.07
N ARG B 5 -16.41 -10.73 -35.53
CA ARG B 5 -16.60 -10.82 -34.09
C ARG B 5 -15.29 -11.06 -33.34
N LEU B 6 -14.37 -11.79 -33.96
CA LEU B 6 -13.11 -12.07 -33.29
C LEU B 6 -11.85 -11.55 -33.99
N SER B 7 -12.03 -10.61 -34.92
CA SER B 7 -10.91 -10.05 -35.64
C SER B 7 -10.86 -8.52 -35.52
N TRP B 8 -11.44 -8.00 -34.45
CA TRP B 8 -11.46 -6.55 -34.24
C TRP B 8 -10.06 -6.04 -33.86
N GLY B 9 -9.88 -4.73 -33.97
CA GLY B 9 -8.59 -4.15 -33.63
C GLY B 9 -8.67 -2.64 -33.60
N TYR B 10 -7.59 -1.98 -33.99
CA TYR B 10 -7.55 -0.53 -34.01
C TYR B 10 -7.12 0.01 -35.36
N ARG B 11 -7.06 -0.87 -36.35
CA ARG B 11 -6.66 -0.47 -37.68
C ARG B 11 -7.85 0.09 -38.45
N GLU B 12 -7.57 0.69 -39.60
CA GLU B 12 -8.59 1.30 -40.43
C GLU B 12 -9.81 0.42 -40.71
N HIS B 13 -9.59 -0.86 -41.02
CA HIS B 13 -10.69 -1.76 -41.34
C HIS B 13 -11.39 -2.43 -40.15
N ASN B 14 -10.73 -2.50 -39.00
CA ASN B 14 -11.35 -3.16 -37.85
C ASN B 14 -11.36 -2.31 -36.58
N GLY B 15 -11.13 -1.01 -36.73
CA GLY B 15 -11.09 -0.12 -35.59
C GLY B 15 -12.40 0.18 -34.89
N PRO B 16 -12.36 1.00 -33.82
CA PRO B 16 -13.51 1.41 -33.02
C PRO B 16 -14.79 1.74 -33.78
N ILE B 17 -14.69 2.44 -34.90
CA ILE B 17 -15.87 2.81 -35.67
C ILE B 17 -16.59 1.60 -36.26
N HIS B 18 -15.88 0.49 -36.39
CA HIS B 18 -16.44 -0.74 -36.95
C HIS B 18 -16.88 -1.76 -35.91
N TRP B 19 -16.55 -1.53 -34.65
CA TRP B 19 -16.91 -2.49 -33.62
C TRP B 19 -18.41 -2.78 -33.53
N LYS B 20 -19.24 -1.76 -33.77
CA LYS B 20 -20.69 -1.93 -33.69
C LYS B 20 -21.20 -2.96 -34.70
N GLU B 21 -20.44 -3.19 -35.75
CA GLU B 21 -20.83 -4.15 -36.77
C GLU B 21 -21.02 -5.56 -36.23
N PHE B 22 -20.28 -5.90 -35.17
CA PHE B 22 -20.41 -7.23 -34.58
C PHE B 22 -20.63 -7.20 -33.08
N PHE B 23 -20.56 -6.00 -32.50
CA PHE B 23 -20.79 -5.81 -31.08
C PHE B 23 -21.76 -4.64 -30.98
N PRO B 24 -23.05 -4.91 -31.22
CA PRO B 24 -24.08 -3.87 -31.18
C PRO B 24 -24.11 -3.02 -29.91
N ILE B 25 -23.61 -3.58 -28.80
CA ILE B 25 -23.61 -2.83 -27.54
C ILE B 25 -22.66 -1.63 -27.65
N ALA B 26 -21.87 -1.60 -28.71
CA ALA B 26 -20.92 -0.50 -28.93
C ALA B 26 -21.65 0.85 -28.91
N ASP B 27 -22.92 0.84 -29.32
CA ASP B 27 -23.72 2.06 -29.35
C ASP B 27 -24.69 2.05 -28.16
N GLY B 28 -24.30 1.35 -27.10
CA GLY B 28 -25.12 1.22 -25.91
C GLY B 28 -25.23 2.48 -25.06
N ASP B 29 -25.91 2.36 -23.93
CA ASP B 29 -26.12 3.49 -23.03
C ASP B 29 -25.14 3.65 -21.87
N GLN B 30 -24.27 2.66 -21.65
CA GLN B 30 -23.30 2.76 -20.57
C GLN B 30 -21.91 2.38 -21.08
N GLN B 31 -21.54 2.97 -22.21
CA GLN B 31 -20.24 2.70 -22.83
C GLN B 31 -19.14 3.58 -22.30
N SER B 32 -17.91 3.07 -22.37
CA SER B 32 -16.72 3.78 -21.91
C SER B 32 -15.68 3.77 -23.04
N PRO B 33 -14.71 4.69 -22.99
CA PRO B 33 -14.50 5.73 -22.00
C PRO B 33 -15.45 6.91 -22.23
N ILE B 34 -15.31 7.94 -21.40
CA ILE B 34 -16.14 9.13 -21.53
C ILE B 34 -15.28 10.35 -21.29
N GLU B 35 -15.84 11.52 -21.61
CA GLU B 35 -15.14 12.77 -21.32
C GLU B 35 -15.80 13.25 -20.04
N ILE B 36 -14.99 13.52 -19.03
CA ILE B 36 -15.50 13.99 -17.75
C ILE B 36 -15.50 15.51 -17.75
N LYS B 37 -16.69 16.09 -17.64
CA LYS B 37 -16.86 17.53 -17.59
C LYS B 37 -17.05 17.88 -16.12
N THR B 38 -15.98 18.34 -15.49
CA THR B 38 -15.99 18.67 -14.06
C THR B 38 -17.12 19.58 -13.60
N LYS B 39 -17.50 20.55 -14.43
CA LYS B 39 -18.56 21.46 -14.03
C LYS B 39 -19.88 20.72 -13.83
N GLU B 40 -19.97 19.51 -14.40
CA GLU B 40 -21.18 18.70 -14.29
C GLU B 40 -21.01 17.56 -13.30
N VAL B 41 -19.80 17.43 -12.75
CA VAL B 41 -19.52 16.38 -11.78
C VAL B 41 -20.01 16.80 -10.41
N LYS B 42 -20.63 15.87 -9.69
CA LYS B 42 -21.14 16.16 -8.37
C LYS B 42 -20.30 15.48 -7.29
N TYR B 43 -19.85 16.27 -6.33
CA TYR B 43 -19.07 15.75 -5.22
C TYR B 43 -20.02 14.99 -4.31
N ASP B 44 -19.62 13.79 -3.90
CA ASP B 44 -20.45 12.98 -3.01
C ASP B 44 -19.65 12.69 -1.74
N SER B 45 -19.97 13.43 -0.68
CA SER B 45 -19.29 13.31 0.60
C SER B 45 -19.35 11.92 1.24
N SER B 46 -20.24 11.08 0.77
N SER B 46 -20.25 11.08 0.75
CA SER B 46 -20.37 9.73 1.31
CA SER B 46 -20.41 9.74 1.28
C SER B 46 -19.39 8.75 0.68
C SER B 46 -19.43 8.74 0.66
N LEU B 47 -18.80 9.12 -0.44
CA LEU B 47 -17.85 8.25 -1.11
C LEU B 47 -16.60 8.12 -0.26
N ARG B 48 -16.40 6.95 0.32
CA ARG B 48 -15.26 6.68 1.18
C ARG B 48 -13.96 6.51 0.40
N PRO B 49 -12.82 6.68 1.08
CA PRO B 49 -11.53 6.52 0.41
C PRO B 49 -11.38 5.09 -0.08
N LEU B 50 -10.50 4.91 -1.06
CA LEU B 50 -10.26 3.58 -1.59
C LEU B 50 -9.36 2.83 -0.62
N SER B 51 -9.54 1.51 -0.57
CA SER B 51 -8.70 0.65 0.25
C SER B 51 -8.03 -0.24 -0.79
N ILE B 52 -6.73 -0.04 -0.98
CA ILE B 52 -5.99 -0.81 -1.96
C ILE B 52 -4.87 -1.61 -1.32
N LYS B 53 -4.95 -2.93 -1.47
CA LYS B 53 -3.94 -3.82 -0.91
C LYS B 53 -3.48 -4.75 -2.02
N TYR B 54 -2.25 -4.54 -2.49
CA TYR B 54 -1.69 -5.34 -3.57
C TYR B 54 -0.41 -6.05 -3.12
N ASP B 55 -0.28 -7.32 -3.49
CA ASP B 55 0.88 -8.12 -3.15
C ASP B 55 1.76 -8.21 -4.40
N PRO B 56 3.03 -7.81 -4.29
CA PRO B 56 3.95 -7.85 -5.44
C PRO B 56 4.14 -9.24 -6.03
N SER B 57 3.86 -10.28 -5.24
CA SER B 57 4.02 -11.64 -5.74
C SER B 57 2.79 -12.14 -6.49
N SER B 58 1.71 -11.35 -6.50
CA SER B 58 0.49 -11.75 -7.19
C SER B 58 0.66 -11.83 -8.71
N ALA B 59 1.51 -10.97 -9.27
CA ALA B 59 1.73 -10.99 -10.72
C ALA B 59 2.31 -12.34 -11.13
N LYS B 60 1.84 -12.89 -12.25
CA LYS B 60 2.33 -14.19 -12.71
C LYS B 60 3.00 -14.14 -14.08
N ILE B 61 2.33 -13.52 -15.05
CA ILE B 61 2.87 -13.44 -16.39
C ILE B 61 2.46 -12.16 -17.10
N ILE B 62 3.20 -11.84 -18.16
CA ILE B 62 2.88 -10.69 -18.98
C ILE B 62 2.81 -11.24 -20.41
N SER B 63 1.82 -10.80 -21.17
CA SER B 63 1.66 -11.28 -22.53
C SER B 63 1.19 -10.19 -23.47
N ASN B 64 1.27 -10.47 -24.77
CA ASN B 64 0.79 -9.54 -25.78
C ASN B 64 -0.55 -10.11 -26.23
N SER B 65 -1.63 -9.42 -25.91
CA SER B 65 -2.98 -9.87 -26.25
C SER B 65 -3.33 -9.54 -27.69
N GLY B 66 -2.49 -8.73 -28.30
CA GLY B 66 -2.75 -8.29 -29.65
C GLY B 66 -3.33 -6.88 -29.63
N HIS B 67 -3.85 -6.47 -28.48
N HIS B 67 -3.87 -6.46 -28.49
CA HIS B 67 -4.47 -5.17 -28.32
CA HIS B 67 -4.42 -5.11 -28.35
C HIS B 67 -3.80 -4.32 -27.20
C HIS B 67 -3.75 -4.29 -27.26
N SER B 68 -2.81 -4.91 -26.54
CA SER B 68 -2.05 -4.22 -25.47
C SER B 68 -1.22 -5.31 -24.81
N PHE B 69 -0.49 -4.96 -23.75
CA PHE B 69 0.23 -6.00 -23.03
C PHE B 69 -0.73 -6.33 -21.90
N ASN B 70 -0.65 -7.53 -21.35
CA ASN B 70 -1.52 -7.94 -20.26
C ASN B 70 -0.72 -8.53 -19.13
N VAL B 71 -0.78 -7.92 -17.95
CA VAL B 71 -0.09 -8.49 -16.80
C VAL B 71 -1.22 -9.21 -16.07
N ASP B 72 -1.13 -10.53 -15.99
CA ASP B 72 -2.15 -11.30 -15.31
C ASP B 72 -1.71 -11.63 -13.89
N PHE B 73 -2.65 -11.50 -12.96
CA PHE B 73 -2.38 -11.76 -11.55
C PHE B 73 -3.09 -13.00 -11.08
N ASP B 74 -2.53 -13.65 -10.06
CA ASP B 74 -3.11 -14.84 -9.49
C ASP B 74 -4.34 -14.41 -8.70
N ASP B 75 -5.52 -14.75 -9.19
CA ASP B 75 -6.75 -14.38 -8.50
C ASP B 75 -7.48 -15.58 -7.90
N THR B 76 -6.71 -16.52 -7.36
CA THR B 76 -7.28 -17.71 -6.73
C THR B 76 -7.27 -17.51 -5.22
N GLU B 77 -6.76 -16.36 -4.80
CA GLU B 77 -6.67 -16.00 -3.39
C GLU B 77 -7.03 -14.52 -3.26
N ASN B 78 -7.35 -14.07 -2.05
CA ASN B 78 -7.71 -12.67 -1.83
C ASN B 78 -6.56 -11.81 -1.30
N LYS B 79 -5.36 -12.01 -1.83
CA LYS B 79 -4.22 -11.22 -1.38
C LYS B 79 -4.29 -9.78 -1.91
N SER B 80 -4.51 -9.65 -3.21
CA SER B 80 -4.59 -8.34 -3.85
C SER B 80 -6.05 -8.00 -4.12
N VAL B 81 -6.55 -7.03 -3.35
CA VAL B 81 -7.95 -6.64 -3.45
C VAL B 81 -8.19 -5.14 -3.35
N LEU B 82 -9.30 -4.72 -3.96
CA LEU B 82 -9.74 -3.33 -3.96
C LEU B 82 -11.06 -3.26 -3.21
N ARG B 83 -11.14 -2.35 -2.24
CA ARG B 83 -12.35 -2.15 -1.45
C ARG B 83 -12.61 -0.67 -1.28
N GLY B 84 -13.76 -0.33 -0.71
CA GLY B 84 -14.09 1.07 -0.46
C GLY B 84 -14.61 1.84 -1.66
N GLY B 85 -14.53 3.16 -1.56
CA GLY B 85 -15.02 3.99 -2.64
C GLY B 85 -16.49 3.71 -2.89
N PRO B 86 -16.91 3.60 -4.16
CA PRO B 86 -18.30 3.34 -4.52
C PRO B 86 -18.66 1.85 -4.48
N LEU B 87 -17.69 1.02 -4.13
CA LEU B 87 -17.88 -0.42 -4.12
C LEU B 87 -18.49 -1.06 -2.89
N THR B 88 -19.30 -2.09 -3.14
CA THR B 88 -19.91 -2.87 -2.09
C THR B 88 -19.14 -4.18 -2.14
N GLY B 89 -18.47 -4.51 -1.04
CA GLY B 89 -17.70 -5.75 -1.00
C GLY B 89 -16.27 -5.65 -1.46
N SER B 90 -15.64 -6.81 -1.66
N SER B 90 -15.64 -6.81 -1.66
CA SER B 90 -14.25 -6.89 -2.08
CA SER B 90 -14.25 -6.87 -2.09
C SER B 90 -14.11 -7.35 -3.53
C SER B 90 -14.11 -7.34 -3.54
N TYR B 91 -13.25 -6.64 -4.28
CA TYR B 91 -13.00 -6.97 -5.68
C TYR B 91 -11.54 -7.42 -5.83
N ARG B 92 -11.37 -8.62 -6.38
CA ARG B 92 -10.06 -9.23 -6.55
C ARG B 92 -9.32 -8.75 -7.80
N LEU B 93 -8.03 -8.43 -7.64
CA LEU B 93 -7.20 -7.98 -8.76
C LEU B 93 -7.04 -9.08 -9.79
N ARG B 94 -7.25 -8.74 -11.06
CA ARG B 94 -7.16 -9.72 -12.13
C ARG B 94 -6.12 -9.43 -13.21
N GLN B 95 -6.12 -8.20 -13.71
CA GLN B 95 -5.23 -7.86 -14.80
C GLN B 95 -4.96 -6.37 -14.92
N VAL B 96 -3.84 -6.04 -15.57
CA VAL B 96 -3.47 -4.66 -15.83
C VAL B 96 -3.00 -4.57 -17.28
N HIS B 97 -3.42 -3.52 -17.96
CA HIS B 97 -3.00 -3.28 -19.34
C HIS B 97 -2.91 -1.77 -19.54
N LEU B 98 -2.44 -1.37 -20.72
CA LEU B 98 -2.24 0.04 -21.01
C LEU B 98 -2.80 0.48 -22.36
N HIS B 99 -3.25 1.73 -22.42
CA HIS B 99 -3.76 2.32 -23.66
C HIS B 99 -2.90 3.54 -23.97
N TRP B 100 -2.59 3.71 -25.25
CA TRP B 100 -1.76 4.83 -25.70
C TRP B 100 -2.20 5.29 -27.08
N GLY B 101 -1.58 6.36 -27.57
CA GLY B 101 -1.88 6.86 -28.89
C GLY B 101 -0.61 6.80 -29.73
N SER B 102 -0.70 7.20 -30.99
CA SER B 102 0.47 7.17 -31.88
C SER B 102 1.46 8.30 -31.55
N ALA B 103 1.02 9.26 -30.75
CA ALA B 103 1.87 10.38 -30.35
C ALA B 103 1.72 10.62 -28.85
N ASP B 104 2.69 11.29 -28.25
CA ASP B 104 2.67 11.56 -26.81
C ASP B 104 1.43 12.31 -26.33
N ASP B 105 0.76 13.03 -27.22
CA ASP B 105 -0.44 13.75 -26.83
C ASP B 105 -1.65 12.93 -27.23
N HIS B 106 -2.75 13.12 -26.52
CA HIS B 106 -4.00 12.42 -26.80
C HIS B 106 -3.88 10.91 -26.93
N GLY B 107 -3.40 10.25 -25.88
CA GLY B 107 -3.26 8.81 -25.90
C GLY B 107 -4.13 8.12 -24.88
N SER B 108 -4.70 8.88 -23.96
CA SER B 108 -5.57 8.32 -22.92
C SER B 108 -6.96 8.03 -23.48
N GLU B 109 -7.74 7.26 -22.74
CA GLU B 109 -9.10 6.94 -23.16
C GLU B 109 -10.06 7.95 -22.53
N HIS B 110 -10.00 8.09 -21.22
CA HIS B 110 -10.83 9.06 -20.55
C HIS B 110 -10.23 10.44 -20.81
N ILE B 111 -11.09 11.45 -20.85
CA ILE B 111 -10.68 12.82 -21.11
C ILE B 111 -11.29 13.69 -20.02
N VAL B 112 -10.58 14.73 -19.59
CA VAL B 112 -11.10 15.61 -18.55
C VAL B 112 -11.13 17.06 -19.01
N ASP B 113 -12.33 17.60 -19.20
CA ASP B 113 -12.47 18.98 -19.65
C ASP B 113 -11.61 19.21 -20.89
N GLY B 114 -11.70 18.28 -21.84
CA GLY B 114 -10.94 18.40 -23.07
C GLY B 114 -9.49 17.96 -23.02
N VAL B 115 -8.96 17.78 -21.80
CA VAL B 115 -7.57 17.37 -21.67
C VAL B 115 -7.38 15.86 -21.74
N SER B 116 -6.47 15.45 -22.62
CA SER B 116 -6.12 14.05 -22.77
C SER B 116 -4.71 13.89 -22.22
N TYR B 117 -4.37 12.69 -21.77
CA TYR B 117 -3.04 12.46 -21.24
C TYR B 117 -2.28 11.57 -22.24
N ALA B 118 -1.01 11.29 -21.96
CA ALA B 118 -0.20 10.49 -22.86
C ALA B 118 -0.62 9.03 -22.95
N ALA B 119 -1.11 8.47 -21.85
CA ALA B 119 -1.53 7.08 -21.83
C ALA B 119 -2.47 6.86 -20.64
N GLU B 120 -3.01 5.65 -20.55
CA GLU B 120 -3.92 5.34 -19.46
C GLU B 120 -3.82 3.87 -19.09
N LEU B 121 -3.57 3.63 -17.79
CA LEU B 121 -3.46 2.29 -17.26
C LEU B 121 -4.81 1.84 -16.73
N HIS B 122 -5.17 0.59 -16.99
CA HIS B 122 -6.43 0.04 -16.51
C HIS B 122 -6.14 -1.16 -15.60
N VAL B 123 -6.64 -1.10 -14.37
CA VAL B 123 -6.45 -2.16 -13.40
C VAL B 123 -7.80 -2.81 -13.17
N VAL B 124 -7.96 -4.02 -13.70
CA VAL B 124 -9.22 -4.75 -13.63
C VAL B 124 -9.37 -5.68 -12.42
N HIS B 125 -10.49 -5.54 -11.70
CA HIS B 125 -10.81 -6.36 -10.53
C HIS B 125 -12.22 -6.92 -10.72
N TRP B 126 -12.52 -8.05 -10.07
CA TRP B 126 -13.86 -8.61 -10.18
C TRP B 126 -14.44 -8.93 -8.81
N ASN B 127 -15.77 -8.90 -8.73
CA ASN B 127 -16.52 -9.13 -7.50
C ASN B 127 -16.54 -10.59 -7.08
N SER B 128 -15.52 -11.02 -6.34
CA SER B 128 -15.42 -12.40 -5.88
C SER B 128 -16.30 -12.66 -4.66
N ASP B 129 -16.86 -11.61 -4.08
CA ASP B 129 -17.74 -11.78 -2.94
C ASP B 129 -19.09 -12.32 -3.41
N LYS B 130 -19.57 -11.78 -4.52
CA LYS B 130 -20.88 -12.17 -5.07
C LYS B 130 -20.87 -13.24 -6.16
N TYR B 131 -19.82 -13.25 -6.97
CA TYR B 131 -19.76 -14.19 -8.08
C TYR B 131 -18.64 -15.22 -7.98
N PRO B 132 -18.88 -16.43 -8.54
CA PRO B 132 -17.92 -17.54 -8.52
C PRO B 132 -16.72 -17.40 -9.44
N SER B 133 -16.82 -16.55 -10.45
CA SER B 133 -15.73 -16.39 -11.38
C SER B 133 -15.71 -15.06 -12.10
N PHE B 134 -14.58 -14.74 -12.70
CA PHE B 134 -14.43 -13.51 -13.44
C PHE B 134 -15.37 -13.45 -14.63
N VAL B 135 -15.51 -14.56 -15.34
N VAL B 135 -15.52 -14.56 -15.35
CA VAL B 135 -16.40 -14.61 -16.50
CA VAL B 135 -16.40 -14.60 -16.51
C VAL B 135 -17.85 -14.27 -16.14
C VAL B 135 -17.85 -14.26 -16.14
N GLU B 136 -18.33 -14.80 -15.02
CA GLU B 136 -19.70 -14.51 -14.61
C GLU B 136 -19.81 -13.07 -14.13
N ALA B 137 -18.79 -12.61 -13.41
CA ALA B 137 -18.78 -11.25 -12.90
C ALA B 137 -18.78 -10.24 -14.05
N ALA B 138 -18.07 -10.55 -15.12
CA ALA B 138 -17.98 -9.66 -16.26
C ALA B 138 -19.31 -9.42 -16.96
N HIS B 139 -20.32 -10.22 -16.62
CA HIS B 139 -21.63 -10.06 -17.22
C HIS B 139 -22.70 -9.55 -16.26
N GLU B 140 -22.28 -8.91 -15.18
CA GLU B 140 -23.20 -8.35 -14.20
C GLU B 140 -22.87 -6.87 -14.00
N PRO B 141 -23.89 -6.02 -13.78
CA PRO B 141 -23.61 -4.59 -13.59
C PRO B 141 -22.65 -4.23 -12.45
N ASP B 142 -22.63 -5.04 -11.40
CA ASP B 142 -21.74 -4.79 -10.26
C ASP B 142 -20.59 -5.79 -10.24
N GLY B 143 -20.31 -6.40 -11.39
CA GLY B 143 -19.27 -7.42 -11.45
C GLY B 143 -17.82 -6.99 -11.51
N LEU B 144 -17.53 -5.87 -12.16
CA LEU B 144 -16.14 -5.44 -12.29
C LEU B 144 -15.89 -4.04 -11.75
N ALA B 145 -14.66 -3.81 -11.27
CA ALA B 145 -14.24 -2.50 -10.78
C ALA B 145 -12.91 -2.27 -11.47
N VAL B 146 -12.80 -1.16 -12.19
CA VAL B 146 -11.57 -0.86 -12.91
C VAL B 146 -11.01 0.48 -12.52
N LEU B 147 -9.74 0.50 -12.16
CA LEU B 147 -9.07 1.74 -11.81
C LEU B 147 -8.47 2.29 -13.09
N GLY B 148 -8.65 3.58 -13.31
CA GLY B 148 -8.08 4.23 -14.47
C GLY B 148 -7.02 5.18 -13.96
N VAL B 149 -5.79 5.03 -14.44
CA VAL B 149 -4.69 5.89 -14.01
C VAL B 149 -4.08 6.55 -15.23
N PHE B 150 -4.06 7.88 -15.24
CA PHE B 150 -3.50 8.63 -16.35
C PHE B 150 -1.98 8.68 -16.26
N LEU B 151 -1.33 8.72 -17.42
CA LEU B 151 0.12 8.81 -17.49
C LEU B 151 0.47 10.07 -18.27
N GLN B 152 1.38 10.86 -17.73
CA GLN B 152 1.84 12.09 -18.38
C GLN B 152 3.33 11.94 -18.62
N ILE B 153 3.86 12.67 -19.60
CA ILE B 153 5.29 12.60 -19.88
C ILE B 153 6.09 13.21 -18.74
N GLY B 154 7.11 12.50 -18.29
CA GLY B 154 7.93 12.97 -17.20
C GLY B 154 9.03 11.97 -16.89
N GLU B 155 9.64 12.08 -15.73
CA GLU B 155 10.70 11.17 -15.35
C GLU B 155 10.26 9.72 -15.44
N PRO B 156 11.14 8.84 -15.93
CA PRO B 156 10.82 7.41 -16.07
C PRO B 156 10.42 6.71 -14.77
N ASN B 157 9.45 5.82 -14.88
CA ASN B 157 8.96 5.06 -13.73
C ASN B 157 9.65 3.70 -13.66
N SER B 158 10.05 3.30 -12.46
CA SER B 158 10.75 2.04 -12.21
C SER B 158 9.96 0.77 -12.57
N GLN B 159 8.70 0.73 -12.19
CA GLN B 159 7.88 -0.45 -12.48
C GLN B 159 7.46 -0.49 -13.94
N LEU B 160 7.39 0.67 -14.58
CA LEU B 160 7.03 0.72 -15.99
C LEU B 160 8.24 0.21 -16.77
N GLN B 161 9.43 0.45 -16.23
CA GLN B 161 10.65 -0.02 -16.87
C GLN B 161 10.69 -1.55 -16.83
N LYS B 162 10.21 -2.12 -15.73
CA LYS B 162 10.17 -3.57 -15.59
C LYS B 162 9.31 -4.12 -16.73
N ILE B 163 8.25 -3.39 -17.07
CA ILE B 163 7.37 -3.80 -18.16
C ILE B 163 8.04 -3.61 -19.52
N THR B 164 8.58 -2.41 -19.77
CA THR B 164 9.22 -2.17 -21.06
C THR B 164 10.37 -3.14 -21.34
N ASP B 165 11.06 -3.59 -20.30
CA ASP B 165 12.17 -4.51 -20.47
C ASP B 165 11.74 -5.87 -21.02
N THR B 166 10.46 -6.17 -20.91
CA THR B 166 9.93 -7.46 -21.41
C THR B 166 9.35 -7.38 -22.81
N LEU B 167 9.15 -6.16 -23.32
CA LEU B 167 8.52 -5.99 -24.62
C LEU B 167 9.12 -6.76 -25.79
N ASP B 168 10.44 -6.87 -25.87
CA ASP B 168 11.03 -7.62 -26.97
C ASP B 168 10.60 -9.08 -26.93
N SER B 169 10.52 -9.63 -25.72
CA SER B 169 10.13 -11.03 -25.55
C SER B 169 8.65 -11.29 -25.87
N ILE B 170 7.84 -10.24 -25.86
CA ILE B 170 6.43 -10.40 -26.19
C ILE B 170 6.02 -9.50 -27.36
N LYS B 171 6.94 -9.31 -28.30
CA LYS B 171 6.68 -8.46 -29.46
C LYS B 171 5.47 -8.91 -30.26
N GLU B 172 5.34 -10.21 -30.47
CA GLU B 172 4.23 -10.76 -31.25
C GLU B 172 3.02 -11.12 -30.40
N LYS B 173 1.84 -10.97 -31.00
CA LYS B 173 0.60 -11.32 -30.33
C LYS B 173 0.65 -12.80 -29.94
N GLY B 174 0.27 -13.10 -28.70
CA GLY B 174 0.29 -14.48 -28.26
C GLY B 174 1.49 -14.87 -27.42
N LYS B 175 2.57 -14.08 -27.51
CA LYS B 175 3.76 -14.36 -26.73
C LYS B 175 3.56 -13.95 -25.27
N GLN B 176 4.21 -14.68 -24.37
CA GLN B 176 4.11 -14.39 -22.96
C GLN B 176 5.42 -14.75 -22.27
N THR B 177 5.61 -14.23 -21.07
CA THR B 177 6.81 -14.55 -20.31
C THR B 177 6.52 -14.38 -18.83
N ARG B 178 7.25 -15.11 -17.99
CA ARG B 178 7.05 -15.04 -16.55
C ARG B 178 7.25 -13.60 -16.10
N PHE B 179 6.38 -13.13 -15.22
CA PHE B 179 6.45 -11.75 -14.74
C PHE B 179 5.91 -11.69 -13.31
N THR B 180 6.79 -11.54 -12.33
CA THR B 180 6.33 -11.46 -10.95
C THR B 180 7.18 -10.45 -10.18
N ASN B 181 6.93 -10.31 -8.88
CA ASN B 181 7.66 -9.34 -8.06
C ASN B 181 7.45 -7.97 -8.67
N PHE B 182 6.19 -7.71 -9.01
CA PHE B 182 5.77 -6.46 -9.66
C PHE B 182 4.93 -5.66 -8.68
N ASP B 183 5.41 -4.47 -8.31
CA ASP B 183 4.70 -3.63 -7.35
C ASP B 183 3.74 -2.65 -8.02
N LEU B 184 2.49 -3.07 -8.14
CA LEU B 184 1.48 -2.24 -8.76
C LEU B 184 1.21 -0.95 -7.97
N LEU B 185 1.48 -0.99 -6.66
CA LEU B 185 1.27 0.19 -5.82
C LEU B 185 2.15 1.36 -6.28
N SER B 186 3.26 1.03 -6.95
CA SER B 186 4.17 2.05 -7.44
C SER B 186 3.65 2.72 -8.71
N LEU B 187 2.56 2.20 -9.26
CA LEU B 187 1.98 2.78 -10.46
C LEU B 187 0.73 3.59 -10.12
N LEU B 188 0.57 3.88 -8.84
CA LEU B 188 -0.56 4.68 -8.37
C LEU B 188 0.01 6.03 -7.97
N PRO B 189 -0.73 7.12 -8.22
CA PRO B 189 -0.26 8.45 -7.84
C PRO B 189 -0.37 8.61 -6.33
N PRO B 190 0.28 9.64 -5.75
CA PRO B 190 0.22 9.87 -4.31
C PRO B 190 -1.21 10.06 -3.81
N SER B 191 -1.99 10.86 -4.53
CA SER B 191 -3.38 11.10 -4.16
C SER B 191 -4.29 10.10 -4.83
N TRP B 192 -5.24 9.56 -4.08
CA TRP B 192 -6.17 8.59 -4.65
C TRP B 192 -7.55 9.19 -4.88
N ASP B 193 -7.62 10.51 -5.02
CA ASP B 193 -8.90 11.18 -5.29
C ASP B 193 -9.37 10.66 -6.64
N TYR B 194 -10.67 10.46 -6.79
CA TYR B 194 -11.18 9.90 -8.04
C TYR B 194 -12.57 10.34 -8.45
N TRP B 195 -12.91 9.97 -9.69
CA TRP B 195 -14.22 10.22 -10.27
C TRP B 195 -14.74 8.79 -10.47
N THR B 196 -16.05 8.60 -10.38
CA THR B 196 -16.59 7.27 -10.60
C THR B 196 -17.92 7.34 -11.35
N TYR B 197 -18.15 6.36 -12.21
CA TYR B 197 -19.38 6.28 -12.98
C TYR B 197 -19.54 4.86 -13.51
N PRO B 198 -20.77 4.47 -13.86
CA PRO B 198 -21.05 3.14 -14.38
C PRO B 198 -20.70 3.07 -15.87
N GLY B 199 -19.88 2.10 -16.25
CA GLY B 199 -19.48 2.00 -17.63
C GLY B 199 -19.25 0.59 -18.17
N SER B 200 -18.34 0.48 -19.13
CA SER B 200 -18.06 -0.79 -19.79
C SER B 200 -16.59 -1.05 -20.04
N LEU B 201 -16.32 -2.22 -20.60
CA LEU B 201 -14.96 -2.56 -20.99
C LEU B 201 -14.78 -1.62 -22.18
N THR B 202 -13.56 -1.18 -22.46
CA THR B 202 -13.38 -0.29 -23.61
C THR B 202 -12.91 -1.03 -24.85
N VAL B 203 -12.96 -2.36 -24.79
CA VAL B 203 -12.61 -3.19 -25.93
C VAL B 203 -13.71 -4.24 -26.02
N PRO B 204 -13.94 -4.78 -27.23
CA PRO B 204 -14.98 -5.80 -27.37
C PRO B 204 -14.63 -6.90 -26.37
N PRO B 205 -15.64 -7.57 -25.79
CA PRO B 205 -17.09 -7.45 -25.97
C PRO B 205 -17.80 -6.20 -25.46
N LEU B 206 -17.05 -5.22 -24.95
CA LEU B 206 -17.62 -3.95 -24.46
C LEU B 206 -18.75 -4.12 -23.44
N LEU B 207 -18.60 -5.12 -22.56
CA LEU B 207 -19.60 -5.41 -21.55
C LEU B 207 -19.81 -4.26 -20.55
N GLU B 208 -21.07 -3.94 -20.30
CA GLU B 208 -21.43 -2.86 -19.39
C GLU B 208 -21.56 -3.44 -17.99
N SER B 209 -20.41 -3.77 -17.41
N SER B 209 -20.41 -3.78 -17.41
CA SER B 209 -20.32 -4.39 -16.10
CA SER B 209 -20.36 -4.37 -16.08
C SER B 209 -19.25 -3.73 -15.25
C SER B 209 -19.27 -3.72 -15.23
N VAL B 210 -18.84 -2.53 -15.64
CA VAL B 210 -17.78 -1.84 -14.92
C VAL B 210 -18.11 -0.60 -14.10
N THR B 211 -17.63 -0.60 -12.86
CA THR B 211 -17.76 0.56 -12.00
C THR B 211 -16.38 1.18 -12.21
N TRP B 212 -16.33 2.29 -12.94
CA TRP B 212 -15.07 2.96 -13.22
C TRP B 212 -14.66 3.87 -12.09
N ILE B 213 -13.37 3.82 -11.76
CA ILE B 213 -12.78 4.65 -10.73
C ILE B 213 -11.56 5.25 -11.41
N VAL B 214 -11.72 6.48 -11.89
CA VAL B 214 -10.65 7.18 -12.59
C VAL B 214 -9.95 8.15 -11.65
N LEU B 215 -8.68 7.91 -11.37
CA LEU B 215 -7.93 8.79 -10.48
C LEU B 215 -7.61 10.11 -11.15
N LYS B 216 -7.70 11.20 -10.37
CA LYS B 216 -7.44 12.53 -10.90
C LYS B 216 -5.97 12.82 -11.18
N GLN B 217 -5.09 12.39 -10.28
CA GLN B 217 -3.67 12.66 -10.45
C GLN B 217 -2.97 11.64 -11.34
N PRO B 218 -2.24 12.13 -12.35
CA PRO B 218 -1.53 11.22 -13.26
C PRO B 218 -0.18 10.79 -12.69
N ILE B 219 0.38 9.72 -13.23
CA ILE B 219 1.71 9.28 -12.83
C ILE B 219 2.58 9.64 -14.02
N ASN B 220 3.88 9.42 -13.92
CA ASN B 220 4.79 9.78 -14.99
C ASN B 220 5.36 8.63 -15.79
N ILE B 221 5.66 8.92 -17.05
CA ILE B 221 6.27 7.97 -17.96
C ILE B 221 7.13 8.80 -18.91
N SER B 222 8.30 8.30 -19.28
CA SER B 222 9.16 9.05 -20.18
C SER B 222 8.73 8.79 -21.62
N SER B 223 9.06 9.72 -22.51
N SER B 223 9.08 9.72 -22.51
CA SER B 223 8.71 9.57 -23.92
CA SER B 223 8.72 9.58 -23.91
C SER B 223 9.37 8.32 -24.49
C SER B 223 9.37 8.32 -24.48
N GLN B 224 10.59 8.03 -24.03
CA GLN B 224 11.31 6.85 -24.49
C GLN B 224 10.59 5.57 -24.08
N GLN B 225 10.12 5.53 -22.84
CA GLN B 225 9.42 4.36 -22.35
C GLN B 225 8.13 4.17 -23.15
N LEU B 226 7.35 5.23 -23.26
CA LEU B 226 6.08 5.17 -23.97
C LEU B 226 6.21 4.72 -25.43
N ALA B 227 7.22 5.24 -26.14
CA ALA B 227 7.42 4.89 -27.54
C ALA B 227 7.62 3.39 -27.79
N LYS B 228 8.18 2.69 -26.81
CA LYS B 228 8.43 1.26 -26.98
C LYS B 228 7.16 0.44 -27.13
N PHE B 229 6.07 0.90 -26.54
CA PHE B 229 4.81 0.18 -26.64
C PHE B 229 4.23 0.22 -28.06
N ARG B 230 4.51 1.30 -28.78
CA ARG B 230 4.00 1.46 -30.13
C ARG B 230 4.62 0.50 -31.14
N SER B 231 5.68 -0.18 -30.75
CA SER B 231 6.34 -1.13 -31.64
C SER B 231 5.90 -2.56 -31.41
N LEU B 232 4.93 -2.75 -30.51
CA LEU B 232 4.40 -4.08 -30.26
C LEU B 232 3.56 -4.40 -31.49
N LEU B 233 3.44 -5.67 -31.82
CA LEU B 233 2.64 -6.09 -32.96
C LEU B 233 1.26 -6.50 -32.51
N CYS B 234 0.28 -6.34 -33.40
CA CYS B 234 -1.08 -6.77 -33.10
C CYS B 234 -1.29 -8.08 -33.86
N THR B 235 -0.20 -8.57 -34.45
CA THR B 235 -0.20 -9.80 -35.21
C THR B 235 0.70 -10.85 -34.55
N ALA B 236 0.44 -12.12 -34.83
CA ALA B 236 1.21 -13.20 -34.23
C ALA B 236 2.43 -13.61 -35.05
N GLU B 237 3.26 -14.47 -34.46
CA GLU B 237 4.43 -14.99 -35.14
C GLU B 237 3.97 -15.70 -36.41
N GLY B 238 4.62 -15.42 -37.53
CA GLY B 238 4.24 -16.07 -38.78
C GLY B 238 3.07 -15.42 -39.50
N GLU B 239 2.68 -14.24 -39.05
CA GLU B 239 1.56 -13.52 -39.66
C GLU B 239 2.09 -12.19 -40.19
N ALA B 240 1.58 -11.74 -41.33
CA ALA B 240 2.02 -10.46 -41.90
C ALA B 240 1.99 -9.45 -40.77
N ALA B 241 3.12 -8.80 -40.52
CA ALA B 241 3.25 -7.83 -39.45
C ALA B 241 2.39 -6.57 -39.54
N ALA B 242 1.79 -6.20 -38.41
CA ALA B 242 0.99 -5.00 -38.27
C ALA B 242 1.30 -4.48 -36.86
N PHE B 243 1.41 -3.17 -36.72
CA PHE B 243 1.78 -2.57 -35.45
C PHE B 243 0.69 -1.90 -34.64
N LEU B 244 0.83 -2.03 -33.32
CA LEU B 244 -0.12 -1.46 -32.38
C LEU B 244 0.35 -0.05 -32.01
N VAL B 245 0.30 0.86 -32.99
CA VAL B 245 0.74 2.24 -32.78
C VAL B 245 -0.22 3.05 -31.92
N SER B 246 -1.48 2.62 -31.88
CA SER B 246 -2.51 3.31 -31.09
C SER B 246 -3.55 2.29 -30.69
N ASN B 247 -4.02 2.34 -29.44
CA ASN B 247 -5.02 1.39 -28.98
C ASN B 247 -5.99 1.98 -27.99
N HIS B 248 -6.46 3.20 -28.27
CA HIS B 248 -7.43 3.85 -27.39
C HIS B 248 -8.73 4.12 -28.13
N ARG B 249 -9.83 3.91 -27.41
CA ARG B 249 -11.15 4.12 -27.96
C ARG B 249 -11.62 5.53 -27.69
N PRO B 250 -12.34 6.13 -28.66
CA PRO B 250 -12.84 7.50 -28.49
C PRO B 250 -13.90 7.53 -27.39
N PRO B 251 -14.13 8.70 -26.78
CA PRO B 251 -15.12 8.86 -25.72
C PRO B 251 -16.54 8.57 -26.20
N GLN B 252 -17.35 8.05 -25.29
CA GLN B 252 -18.72 7.70 -25.59
C GLN B 252 -19.73 8.58 -24.87
N PRO B 253 -20.95 8.71 -25.40
CA PRO B 253 -22.03 9.52 -24.82
C PRO B 253 -22.46 9.04 -23.44
N LEU B 254 -22.62 9.97 -22.50
N LEU B 254 -22.62 9.97 -22.50
CA LEU B 254 -23.04 9.63 -21.15
CA LEU B 254 -23.04 9.63 -21.15
C LEU B 254 -24.49 9.13 -21.14
C LEU B 254 -24.49 9.13 -21.14
N LYS B 255 -25.30 9.68 -22.03
CA LYS B 255 -26.70 9.30 -22.15
C LYS B 255 -27.47 9.25 -20.83
N GLY B 256 -27.29 10.27 -19.99
CA GLY B 256 -28.01 10.30 -18.73
C GLY B 256 -27.22 9.91 -17.50
N ARG B 257 -26.12 9.21 -17.69
CA ARG B 257 -25.29 8.79 -16.56
C ARG B 257 -24.66 9.99 -15.85
N LYS B 258 -24.45 9.84 -14.54
CA LYS B 258 -23.86 10.89 -13.74
C LYS B 258 -22.45 10.47 -13.33
N VAL B 259 -21.56 11.44 -13.22
CA VAL B 259 -20.19 11.17 -12.79
C VAL B 259 -20.05 11.81 -11.41
N ARG B 260 -19.62 11.03 -10.43
CA ARG B 260 -19.44 11.52 -9.07
C ARG B 260 -17.96 11.69 -8.75
N ALA B 261 -17.65 12.59 -7.81
CA ALA B 261 -16.29 12.84 -7.39
C ALA B 261 -16.13 12.57 -5.91
N SER B 262 -14.98 12.01 -5.53
CA SER B 262 -14.70 11.72 -4.13
C SER B 262 -14.05 12.94 -3.46
N PHE B 263 -13.91 14.01 -4.23
CA PHE B 263 -13.27 15.23 -3.74
C PHE B 263 -13.97 16.48 -4.23
N HIS B 264 -13.61 17.62 -3.65
CA HIS B 264 -14.17 18.91 -4.03
C HIS B 264 -13.17 20.02 -3.74
#